data_8YHN
#
_entry.id   8YHN
#
_cell.length_a   59.128
_cell.length_b   66.440
_cell.length_c   111.756
_cell.angle_alpha   90.000
_cell.angle_beta   90.000
_cell.angle_gamma   90.000
#
_symmetry.space_group_name_H-M   'P 21 21 21'
#
loop_
_entity.id
_entity.type
_entity.pdbx_description
1 polymer 'Cytochrome P450'
2 non-polymer 'PROTOPORPHYRIN IX CONTAINING FE'
3 non-polymer GLYCEROL
4 water water
#
_entity_poly.entity_id   1
_entity_poly.type   'polypeptide(L)'
_entity_poly.pdbx_seq_one_letter_code
;MAAAFDLAFDPWDPAFLADPYPAYADLRAKGRVHYYEPTNQWLVPHHADVSALLRDRRLGRAYQHRYTHEDFGRTAPPAE
HEPFHTLNDHGMLDLEPPDHTRIRRLVSKAFTPRTVEQLKPYVAKLAGELVDRLVAAGGGDLLADVAEPLPVAVIAEMLG
IPESDRAPLRPWSADICGMYELNPPKDVAAKAVRASVEFSDYLRELIAERRKEPGDDLISGLIAAHDEGDRLTEQEMIST
CVLLLNAGHEATVNATVNGWYALFRNPDQLAALRADHSLVPAAVEELMRYDTPLQLFERWVLDEIEIDGTTVPRGAEIAM
LFGSANHDPEVFRNPEKLDLTREDNPHISFSAGIHYCIGAPLARIELAASMTALLEKAPTLGLVAEPKRKPNFVIRGLEG
LSVAVHHHHHH
;
_entity_poly.pdbx_strand_id   A
#
# COMPACT_ATOMS: atom_id res chain seq x y z
N ALA A 8 26.66 7.68 7.14
CA ALA A 8 27.34 6.47 6.59
C ALA A 8 26.29 5.46 6.13
N PHE A 9 25.33 5.86 5.30
CA PHE A 9 24.17 5.00 4.94
C PHE A 9 24.06 4.90 3.42
N ASP A 10 23.86 3.68 2.92
CA ASP A 10 23.66 3.42 1.48
C ASP A 10 22.48 2.48 1.35
N PRO A 11 21.26 3.01 1.05
CA PRO A 11 20.07 2.17 0.93
C PRO A 11 20.13 1.23 -0.27
N TRP A 12 21.09 1.44 -1.19
CA TRP A 12 21.32 0.49 -2.30
C TRP A 12 22.19 -0.70 -1.88
N ASP A 13 22.85 -0.68 -0.71
CA ASP A 13 23.80 -1.75 -0.30
C ASP A 13 23.03 -3.08 -0.28
N PRO A 14 23.51 -4.15 -0.95
CA PRO A 14 22.76 -5.41 -1.04
C PRO A 14 22.45 -6.04 0.32
N ALA A 15 23.27 -5.83 1.35
CA ALA A 15 22.98 -6.25 2.75
C ALA A 15 21.75 -5.50 3.28
N PHE A 16 21.61 -4.19 3.00
CA PHE A 16 20.44 -3.39 3.45
C PHE A 16 19.19 -3.90 2.75
N LEU A 17 19.27 -4.13 1.44
CA LEU A 17 18.13 -4.70 0.66
C LEU A 17 17.75 -6.07 1.20
N ALA A 18 18.71 -6.87 1.64
CA ALA A 18 18.44 -8.23 2.18
C ALA A 18 17.77 -8.08 3.55
N ASP A 19 18.31 -7.22 4.40
CA ASP A 19 17.84 -7.07 5.81
C ASP A 19 18.15 -5.66 6.29
N PRO A 20 17.18 -4.71 6.18
CA PRO A 20 17.43 -3.32 6.51
C PRO A 20 17.37 -3.02 8.01
N TYR A 21 16.85 -3.95 8.83
CA TYR A 21 16.47 -3.69 10.24
C TYR A 21 17.69 -3.40 11.14
N PRO A 22 18.87 -4.03 10.97
CA PRO A 22 20.06 -3.61 11.74
C PRO A 22 20.45 -2.15 11.47
N ALA A 23 20.45 -1.74 10.21
CA ALA A 23 20.74 -0.33 9.83
C ALA A 23 19.69 0.60 10.47
N TYR A 24 18.40 0.22 10.46
CA TYR A 24 17.34 1.00 11.14
C TYR A 24 17.73 1.18 12.61
N ALA A 25 18.21 0.11 13.26
CA ALA A 25 18.65 0.15 14.69
C ALA A 25 19.69 1.26 14.87
N ASP A 26 20.71 1.27 14.01
CA ASP A 26 21.81 2.29 14.00
C ASP A 26 21.23 3.68 13.81
N LEU A 27 20.35 3.86 12.83
CA LEU A 27 19.73 5.19 12.59
C LEU A 27 19.04 5.65 13.85
N ARG A 28 18.21 4.79 14.44
CA ARG A 28 17.43 5.18 15.63
C ARG A 28 18.39 5.63 16.74
N ALA A 29 19.47 4.85 16.97
CA ALA A 29 20.49 5.12 18.03
C ALA A 29 21.22 6.44 17.76
N LYS A 30 21.46 6.80 16.50
CA LYS A 30 22.25 7.98 16.10
C LYS A 30 21.41 9.26 16.24
N GLY A 31 20.08 9.18 16.35
CA GLY A 31 19.24 10.41 16.45
C GLY A 31 17.80 10.22 15.99
N ARG A 32 17.04 11.32 15.95
CA ARG A 32 15.59 11.34 15.62
C ARG A 32 15.32 11.93 14.23
N VAL A 33 16.22 12.74 13.68
CA VAL A 33 16.13 13.18 12.26
C VAL A 33 17.56 13.26 11.71
N HIS A 34 17.78 12.71 10.52
CA HIS A 34 19.09 12.69 9.83
C HIS A 34 18.89 13.22 8.42
N TYR A 35 19.59 14.30 8.02
CA TYR A 35 19.65 14.79 6.62
C TYR A 35 20.43 13.78 5.76
N TYR A 36 19.92 13.38 4.61
CA TYR A 36 20.58 12.42 3.69
C TYR A 36 20.85 13.13 2.36
N GLU A 37 22.11 13.55 2.13
CA GLU A 37 22.49 14.42 0.99
C GLU A 37 22.05 13.76 -0.32
N PRO A 38 22.39 12.48 -0.59
CA PRO A 38 22.08 11.88 -1.88
C PRO A 38 20.65 12.09 -2.40
N THR A 39 19.61 11.96 -1.55
CA THR A 39 18.18 12.17 -1.93
C THR A 39 17.69 13.55 -1.45
N ASN A 40 18.55 14.33 -0.81
CA ASN A 40 18.17 15.64 -0.20
C ASN A 40 16.90 15.40 0.62
N GLN A 41 16.95 14.46 1.56
CA GLN A 41 15.78 14.13 2.40
C GLN A 41 16.19 14.05 3.87
N TRP A 42 15.26 14.34 4.77
CA TRP A 42 15.44 14.18 6.24
C TRP A 42 14.81 12.87 6.73
N LEU A 43 15.62 11.94 7.21
CA LEU A 43 15.19 10.56 7.56
C LEU A 43 14.67 10.57 9.00
N VAL A 44 13.44 10.07 9.22
CA VAL A 44 12.84 9.93 10.58
C VAL A 44 12.57 8.46 10.89
N PRO A 45 13.36 7.86 11.79
CA PRO A 45 13.23 6.43 12.09
C PRO A 45 12.48 5.96 13.35
N HIS A 46 12.10 6.85 14.28
CA HIS A 46 11.44 6.47 15.55
C HIS A 46 9.93 6.48 15.35
N HIS A 47 9.22 5.51 15.94
CA HIS A 47 7.74 5.35 15.86
C HIS A 47 7.01 6.62 16.36
N ALA A 48 7.41 7.19 17.49
CA ALA A 48 6.76 8.38 18.11
C ALA A 48 6.84 9.57 17.14
N ASP A 49 7.99 9.77 16.52
CA ASP A 49 8.23 10.89 15.55
C ASP A 49 7.41 10.65 14.28
N VAL A 50 7.49 9.44 13.70
CA VAL A 50 6.73 9.12 12.48
C VAL A 50 5.24 9.35 12.75
N SER A 51 4.72 8.81 13.85
CA SER A 51 3.28 8.95 14.25
C SER A 51 2.91 10.42 14.31
N ALA A 52 3.71 11.22 15.00
CA ALA A 52 3.45 12.67 15.23
C ALA A 52 3.45 13.41 13.88
N LEU A 53 4.50 13.22 13.06
CA LEU A 53 4.66 13.93 11.76
C LEU A 53 3.52 13.60 10.79
N LEU A 54 3.08 12.35 10.71
CA LEU A 54 1.90 11.97 9.86
C LEU A 54 0.63 12.72 10.31
N ARG A 55 0.58 13.25 11.53
CA ARG A 55 -0.62 13.97 12.03
C ARG A 55 -0.39 15.48 12.07
N ASP A 56 0.81 15.93 11.76
CA ASP A 56 1.15 17.37 11.74
C ASP A 56 0.54 18.07 10.50
N ARG A 57 -0.26 19.13 10.73
CA ARG A 57 -0.91 19.98 9.70
C ARG A 57 0.15 20.78 8.91
N ARG A 58 1.37 20.92 9.39
CA ARG A 58 2.47 21.64 8.67
C ARG A 58 3.16 20.78 7.61
N LEU A 59 2.75 19.51 7.43
CA LEU A 59 3.31 18.57 6.41
C LEU A 59 2.17 18.09 5.52
N GLY A 60 2.51 17.71 4.30
CA GLY A 60 1.55 17.22 3.31
C GLY A 60 2.20 16.39 2.23
N ARG A 61 1.39 15.60 1.55
CA ARG A 61 1.79 14.84 0.34
C ARG A 61 1.73 15.75 -0.88
N ALA A 62 1.27 17.00 -0.73
CA ALA A 62 1.34 18.01 -1.80
C ALA A 62 1.59 19.40 -1.21
N TYR A 63 2.08 20.32 -2.05
CA TYR A 63 2.37 21.72 -1.66
C TYR A 63 1.68 22.73 -2.57
N GLN A 64 1.19 22.36 -3.77
CA GLN A 64 0.69 23.29 -4.81
C GLN A 64 -0.61 23.99 -4.39
N HIS A 65 -1.32 23.45 -3.40
CA HIS A 65 -2.54 24.09 -2.85
C HIS A 65 -2.11 25.35 -2.08
N ARG A 66 -0.84 25.44 -1.68
CA ARG A 66 -0.31 26.54 -0.85
C ARG A 66 0.75 27.36 -1.60
N TYR A 67 1.56 26.73 -2.44
CA TYR A 67 2.72 27.39 -3.09
C TYR A 67 2.85 26.95 -4.55
N THR A 68 3.20 27.90 -5.43
CA THR A 68 3.75 27.57 -6.76
C THR A 68 5.02 26.72 -6.55
N HIS A 69 5.32 25.84 -7.51
CA HIS A 69 6.59 25.07 -7.54
C HIS A 69 7.73 26.03 -7.26
N GLU A 70 7.75 27.15 -7.98
CA GLU A 70 8.87 28.11 -7.95
C GLU A 70 8.94 28.76 -6.57
N ASP A 71 7.81 29.24 -6.03
CA ASP A 71 7.83 29.80 -4.66
C ASP A 71 8.22 28.72 -3.64
N PHE A 72 7.97 27.44 -3.93
CA PHE A 72 8.39 26.33 -3.04
C PHE A 72 9.83 25.90 -3.32
N GLY A 73 10.53 26.53 -4.25
CA GLY A 73 11.95 26.23 -4.53
C GLY A 73 12.10 24.94 -5.32
N ARG A 74 11.14 24.65 -6.20
CA ARG A 74 11.17 23.40 -6.99
C ARG A 74 10.88 23.73 -8.45
N THR A 75 11.10 22.73 -9.31
CA THR A 75 10.97 22.80 -10.78
C THR A 75 9.70 22.05 -11.15
N ALA A 76 8.85 22.63 -12.00
CA ALA A 76 7.56 22.03 -12.41
C ALA A 76 7.83 20.78 -13.24
N PRO A 77 6.96 19.76 -13.21
CA PRO A 77 7.16 18.55 -14.00
C PRO A 77 6.85 18.77 -15.48
N PRO A 78 7.46 17.97 -16.39
CA PRO A 78 7.16 18.02 -17.83
C PRO A 78 5.65 18.03 -18.10
N ALA A 79 5.20 18.91 -19.00
CA ALA A 79 3.79 18.99 -19.47
C ALA A 79 3.45 17.78 -20.37
N GLU A 80 4.47 17.07 -20.87
CA GLU A 80 4.29 15.81 -21.64
C GLU A 80 3.70 14.74 -20.71
N HIS A 81 3.79 14.91 -19.39
CA HIS A 81 3.29 13.94 -18.40
C HIS A 81 1.95 14.43 -17.84
N GLU A 82 1.33 15.42 -18.49
CA GLU A 82 0.07 16.04 -17.99
C GLU A 82 -0.95 14.94 -17.67
N PRO A 83 -1.20 13.95 -18.57
CA PRO A 83 -2.26 12.97 -18.34
C PRO A 83 -2.04 12.15 -17.06
N PHE A 84 -0.81 11.73 -16.80
CA PHE A 84 -0.46 11.05 -15.51
C PHE A 84 -0.76 12.02 -14.35
N HIS A 85 -0.17 13.23 -14.37
CA HIS A 85 -0.23 14.21 -13.24
C HIS A 85 -1.69 14.58 -12.95
N THR A 86 -2.51 14.72 -13.99
CA THR A 86 -3.96 15.01 -13.87
C THR A 86 -4.66 13.86 -13.13
N LEU A 87 -4.45 12.62 -13.58
CA LEU A 87 -5.05 11.40 -12.97
C LEU A 87 -4.59 11.30 -11.52
N ASN A 88 -3.30 11.52 -11.28
CA ASN A 88 -2.67 11.44 -9.94
C ASN A 88 -3.27 12.51 -9.02
N ASP A 89 -3.32 13.76 -9.47
CA ASP A 89 -3.62 14.93 -8.59
C ASP A 89 -5.11 15.02 -8.30
N HIS A 90 -5.96 14.17 -8.85
CA HIS A 90 -7.42 14.17 -8.45
C HIS A 90 -7.73 12.96 -7.55
N GLY A 91 -6.73 12.14 -7.22
CA GLY A 91 -6.85 11.05 -6.23
C GLY A 91 -6.52 11.54 -4.83
N MET A 92 -7.24 11.06 -3.81
CA MET A 92 -7.14 11.61 -2.44
C MET A 92 -5.75 11.38 -1.82
N LEU A 93 -4.95 10.40 -2.27
CA LEU A 93 -3.60 10.14 -1.71
C LEU A 93 -2.71 11.39 -1.84
N ASP A 94 -2.84 12.14 -2.95
CA ASP A 94 -1.97 13.31 -3.19
C ASP A 94 -2.76 14.62 -3.04
N LEU A 95 -3.91 14.56 -2.37
CA LEU A 95 -4.70 15.77 -2.02
C LEU A 95 -4.43 16.17 -0.55
N GLU A 96 -4.51 17.45 -0.28
CA GLU A 96 -4.43 18.01 1.08
C GLU A 96 -5.75 18.74 1.34
N PRO A 97 -6.10 19.01 2.60
CA PRO A 97 -7.34 19.72 2.88
C PRO A 97 -7.33 21.14 2.27
N PRO A 98 -8.49 21.73 1.98
CA PRO A 98 -9.79 21.07 2.12
C PRO A 98 -10.23 20.10 1.02
N ASP A 99 -9.53 20.04 -0.11
CA ASP A 99 -9.86 19.11 -1.21
C ASP A 99 -9.86 17.65 -0.72
N HIS A 100 -8.88 17.25 0.11
CA HIS A 100 -8.78 15.86 0.63
C HIS A 100 -10.06 15.49 1.39
N THR A 101 -10.41 16.35 2.35
CA THR A 101 -11.62 16.27 3.21
C THR A 101 -12.85 16.00 2.34
N ARG A 102 -13.03 16.76 1.27
CA ARG A 102 -14.24 16.72 0.41
C ARG A 102 -14.26 15.38 -0.31
N ILE A 103 -13.17 15.01 -0.99
CA ILE A 103 -13.16 13.78 -1.85
C ILE A 103 -13.29 12.56 -0.94
N ARG A 104 -12.72 12.61 0.27
CA ARG A 104 -12.72 11.43 1.17
C ARG A 104 -14.12 11.31 1.82
N ARG A 105 -14.70 12.41 2.29
CA ARG A 105 -16.09 12.41 2.83
C ARG A 105 -17.02 11.86 1.75
N LEU A 106 -16.88 12.32 0.51
CA LEU A 106 -17.73 11.87 -0.63
C LEU A 106 -17.48 10.39 -0.91
N VAL A 107 -16.22 10.00 -1.07
CA VAL A 107 -15.90 8.60 -1.45
C VAL A 107 -16.45 7.67 -0.37
N SER A 108 -16.40 8.09 0.89
CA SER A 108 -16.71 7.19 2.03
C SER A 108 -18.23 7.00 2.13
N LYS A 109 -19.01 7.66 1.26
CA LYS A 109 -20.50 7.48 1.19
C LYS A 109 -20.81 6.27 0.30
N ALA A 110 -20.04 6.06 -0.76
CA ALA A 110 -20.14 4.87 -1.64
C ALA A 110 -19.35 3.69 -1.03
N PHE A 111 -18.11 3.94 -0.61
CA PHE A 111 -17.18 2.91 -0.03
C PHE A 111 -17.36 2.88 1.48
N THR A 112 -18.16 1.94 2.00
CA THR A 112 -18.62 1.94 3.42
C THR A 112 -18.33 0.58 4.07
N PRO A 113 -18.47 0.47 5.40
CA PRO A 113 -18.37 -0.81 6.09
C PRO A 113 -19.31 -1.89 5.52
N ARG A 114 -20.51 -1.50 5.08
CA ARG A 114 -21.48 -2.44 4.43
C ARG A 114 -20.86 -2.98 3.13
N THR A 115 -20.20 -2.11 2.36
CA THR A 115 -19.51 -2.47 1.10
C THR A 115 -18.47 -3.57 1.38
N VAL A 116 -17.70 -3.40 2.45
CA VAL A 116 -16.61 -4.35 2.87
C VAL A 116 -17.29 -5.67 3.25
N GLU A 117 -18.25 -5.64 4.17
CA GLU A 117 -19.02 -6.83 4.61
C GLU A 117 -19.53 -7.63 3.41
N GLN A 118 -20.07 -6.94 2.39
CA GLN A 118 -20.66 -7.57 1.18
C GLN A 118 -19.59 -8.34 0.39
N LEU A 119 -18.30 -8.00 0.53
CA LEU A 119 -17.22 -8.64 -0.28
C LEU A 119 -16.67 -9.91 0.39
N LYS A 120 -16.86 -10.06 1.71
CA LYS A 120 -16.38 -11.24 2.50
C LYS A 120 -16.67 -12.54 1.78
N PRO A 121 -17.94 -12.84 1.39
CA PRO A 121 -18.23 -14.10 0.71
C PRO A 121 -17.43 -14.26 -0.59
N TYR A 122 -17.27 -13.20 -1.38
CA TYR A 122 -16.48 -13.29 -2.63
C TYR A 122 -14.98 -13.46 -2.30
N VAL A 123 -14.51 -12.83 -1.22
CA VAL A 123 -13.07 -12.89 -0.82
C VAL A 123 -12.76 -14.33 -0.40
N ALA A 124 -13.53 -14.85 0.56
CA ALA A 124 -13.45 -16.24 1.05
C ALA A 124 -13.56 -17.22 -0.12
N LYS A 125 -14.57 -17.06 -1.00
CA LYS A 125 -14.77 -17.95 -2.18
C LYS A 125 -13.47 -17.95 -2.99
N LEU A 126 -13.05 -16.76 -3.43
CA LEU A 126 -11.88 -16.64 -4.35
C LEU A 126 -10.62 -17.25 -3.72
N ALA A 127 -10.29 -16.84 -2.49
CA ALA A 127 -9.18 -17.42 -1.70
C ALA A 127 -9.23 -18.95 -1.78
N GLY A 128 -10.37 -19.55 -1.45
CA GLY A 128 -10.55 -21.02 -1.39
C GLY A 128 -10.16 -21.65 -2.71
N GLU A 129 -10.66 -21.07 -3.81
CA GLU A 129 -10.46 -21.57 -5.18
C GLU A 129 -8.97 -21.53 -5.51
N LEU A 130 -8.34 -20.39 -5.25
CA LEU A 130 -6.90 -20.18 -5.56
C LEU A 130 -6.08 -21.26 -4.87
N VAL A 131 -6.31 -21.50 -3.59
CA VAL A 131 -5.46 -22.45 -2.80
C VAL A 131 -5.74 -23.87 -3.30
N ASP A 132 -6.99 -24.19 -3.60
CA ASP A 132 -7.40 -25.50 -4.18
C ASP A 132 -6.56 -25.80 -5.42
N ARG A 133 -6.43 -24.83 -6.33
CA ARG A 133 -5.67 -25.01 -7.60
C ARG A 133 -4.22 -25.31 -7.27
N LEU A 134 -3.62 -24.55 -6.35
CA LEU A 134 -2.21 -24.74 -5.95
C LEU A 134 -2.07 -26.14 -5.33
N VAL A 135 -3.03 -26.52 -4.49
CA VAL A 135 -3.01 -27.85 -3.82
C VAL A 135 -3.06 -28.92 -4.91
N ALA A 136 -4.02 -28.81 -5.85
CA ALA A 136 -4.23 -29.74 -6.98
C ALA A 136 -2.90 -29.93 -7.74
N ALA A 137 -2.13 -28.86 -7.95
CA ALA A 137 -0.84 -28.92 -8.65
C ALA A 137 0.28 -29.38 -7.71
N GLY A 138 -0.02 -29.58 -6.43
CA GLY A 138 0.94 -30.03 -5.41
C GLY A 138 2.06 -29.01 -5.19
N GLY A 139 1.82 -27.74 -5.52
CA GLY A 139 2.77 -26.65 -5.26
C GLY A 139 2.69 -25.57 -6.31
N GLY A 140 3.64 -24.64 -6.26
CA GLY A 140 3.74 -23.55 -7.26
C GLY A 140 4.34 -22.29 -6.67
N ASP A 141 4.07 -21.15 -7.30
CA ASP A 141 4.59 -19.83 -6.86
C ASP A 141 3.47 -19.14 -6.09
N LEU A 142 3.66 -18.98 -4.78
CA LEU A 142 2.64 -18.37 -3.88
C LEU A 142 2.30 -16.98 -4.41
N LEU A 143 3.29 -16.26 -4.95
CA LEU A 143 3.11 -14.87 -5.44
C LEU A 143 2.20 -14.91 -6.67
N ALA A 144 2.66 -15.59 -7.73
CA ALA A 144 2.00 -15.65 -9.05
C ALA A 144 0.63 -16.35 -8.90
N ASP A 145 0.54 -17.43 -8.12
CA ASP A 145 -0.65 -18.33 -8.14
C ASP A 145 -1.68 -17.92 -7.08
N VAL A 146 -1.29 -17.30 -5.96
CA VAL A 146 -2.24 -17.07 -4.83
C VAL A 146 -2.29 -15.60 -4.45
N ALA A 147 -1.15 -14.99 -4.11
CA ALA A 147 -1.08 -13.61 -3.59
C ALA A 147 -1.59 -12.61 -4.65
N GLU A 148 -1.05 -12.68 -5.88
CA GLU A 148 -1.25 -11.67 -6.96
C GLU A 148 -2.70 -11.61 -7.42
N PRO A 149 -3.35 -12.75 -7.74
CA PRO A 149 -4.71 -12.72 -8.30
C PRO A 149 -5.78 -12.12 -7.40
N LEU A 150 -5.70 -12.30 -6.07
CA LEU A 150 -6.85 -11.98 -5.19
C LEU A 150 -7.10 -10.48 -5.11
N PRO A 151 -6.08 -9.64 -4.82
CA PRO A 151 -6.33 -8.21 -4.57
C PRO A 151 -7.00 -7.49 -5.75
N VAL A 152 -6.43 -7.63 -6.94
CA VAL A 152 -6.98 -7.03 -8.20
C VAL A 152 -8.44 -7.49 -8.37
N ALA A 153 -8.71 -8.78 -8.21
CA ALA A 153 -10.04 -9.36 -8.47
C ALA A 153 -11.05 -8.73 -7.51
N VAL A 154 -10.67 -8.57 -6.24
CA VAL A 154 -11.59 -8.04 -5.20
C VAL A 154 -11.98 -6.60 -5.56
N ILE A 155 -11.01 -5.78 -5.99
CA ILE A 155 -11.28 -4.36 -6.32
C ILE A 155 -12.10 -4.31 -7.61
N ALA A 156 -11.74 -5.11 -8.63
CA ALA A 156 -12.53 -5.32 -9.86
C ALA A 156 -13.98 -5.62 -9.47
N GLU A 157 -14.20 -6.62 -8.62
CA GLU A 157 -15.55 -7.02 -8.15
C GLU A 157 -16.26 -5.81 -7.51
N MET A 158 -15.58 -5.06 -6.66
CA MET A 158 -16.20 -3.92 -5.93
C MET A 158 -16.57 -2.81 -6.92
N LEU A 159 -15.76 -2.66 -7.95
CA LEU A 159 -15.93 -1.62 -9.00
C LEU A 159 -16.99 -2.08 -10.02
N GLY A 160 -17.10 -3.39 -10.25
CA GLY A 160 -18.16 -4.04 -11.04
C GLY A 160 -17.71 -4.28 -12.46
N ILE A 161 -16.49 -4.79 -12.66
CA ILE A 161 -15.90 -4.93 -14.03
C ILE A 161 -15.92 -6.41 -14.40
N PRO A 162 -16.35 -6.75 -15.65
CA PRO A 162 -16.42 -8.14 -16.10
C PRO A 162 -15.04 -8.81 -16.15
N GLU A 163 -14.99 -10.07 -15.71
CA GLU A 163 -13.81 -10.95 -15.88
C GLU A 163 -13.37 -10.88 -17.35
N SER A 164 -14.33 -10.59 -18.26
CA SER A 164 -14.14 -10.37 -19.72
C SER A 164 -13.05 -9.33 -19.96
N ASP A 165 -13.17 -8.14 -19.36
CA ASP A 165 -12.30 -6.98 -19.65
C ASP A 165 -11.29 -6.74 -18.49
N ARG A 166 -11.07 -7.73 -17.61
CA ARG A 166 -10.23 -7.60 -16.38
C ARG A 166 -8.76 -7.90 -16.66
N ALA A 167 -8.43 -8.35 -17.88
CA ALA A 167 -7.06 -8.77 -18.29
C ALA A 167 -6.08 -7.59 -18.27
N PRO A 168 -6.44 -6.39 -18.79
CA PRO A 168 -5.46 -5.31 -18.98
C PRO A 168 -5.15 -4.49 -17.71
N LEU A 169 -5.90 -4.74 -16.64
CA LEU A 169 -5.84 -3.98 -15.37
C LEU A 169 -4.44 -4.07 -14.76
N ARG A 170 -3.91 -5.28 -14.56
CA ARG A 170 -2.57 -5.45 -13.94
C ARG A 170 -1.59 -4.62 -14.76
N PRO A 171 -1.39 -4.96 -16.06
CA PRO A 171 -0.41 -4.27 -16.90
C PRO A 171 -0.61 -2.75 -16.87
N TRP A 172 -1.86 -2.28 -16.83
CA TRP A 172 -2.19 -0.84 -16.63
C TRP A 172 -1.60 -0.37 -15.30
N SER A 173 -2.01 -0.99 -14.18
CA SER A 173 -1.61 -0.57 -12.82
C SER A 173 -0.08 -0.57 -12.76
N ALA A 174 0.54 -1.61 -13.34
CA ALA A 174 2.02 -1.76 -13.44
C ALA A 174 2.68 -0.51 -14.06
N ASP A 175 2.24 -0.09 -15.24
CA ASP A 175 2.96 0.95 -16.03
C ASP A 175 2.74 2.31 -15.37
N ILE A 176 1.51 2.61 -14.94
CA ILE A 176 1.19 3.84 -14.16
C ILE A 176 2.14 3.91 -12.95
N CYS A 177 2.31 2.82 -12.20
CA CYS A 177 3.10 2.80 -10.94
C CYS A 177 4.58 2.95 -11.29
N GLY A 178 4.97 2.52 -12.50
CA GLY A 178 6.32 2.68 -13.04
C GLY A 178 6.81 4.11 -12.90
N MET A 179 5.90 5.08 -13.00
CA MET A 179 6.21 6.53 -12.92
C MET A 179 6.83 6.86 -11.57
N TYR A 180 6.42 6.19 -10.49
CA TYR A 180 6.91 6.46 -9.11
C TYR A 180 8.22 5.71 -8.88
N GLU A 181 8.48 4.64 -9.66
CA GLU A 181 9.70 3.78 -9.54
C GLU A 181 10.91 4.45 -10.21
N PRO A 184 13.04 7.90 -13.02
CA PRO A 184 11.95 7.43 -13.89
C PRO A 184 12.38 7.38 -15.35
N PRO A 185 12.59 6.19 -15.94
CA PRO A 185 13.00 6.05 -17.35
C PRO A 185 12.06 6.73 -18.36
N LYS A 186 12.61 7.33 -19.42
CA LYS A 186 11.85 7.95 -20.53
C LYS A 186 10.80 6.94 -21.01
N ASP A 187 11.18 5.66 -21.07
CA ASP A 187 10.27 4.56 -21.51
C ASP A 187 9.15 4.36 -20.47
N VAL A 188 9.50 4.26 -19.18
CA VAL A 188 8.53 4.15 -18.05
C VAL A 188 7.47 5.25 -18.23
N ALA A 189 7.93 6.50 -18.38
CA ALA A 189 7.09 7.71 -18.49
C ALA A 189 6.09 7.54 -19.64
N ALA A 190 6.55 7.02 -20.78
CA ALA A 190 5.76 6.85 -22.02
C ALA A 190 4.54 5.95 -21.74
N LYS A 191 4.77 4.70 -21.35
CA LYS A 191 3.72 3.68 -21.07
C LYS A 191 2.78 4.21 -19.97
N ALA A 192 3.36 4.92 -18.98
CA ALA A 192 2.63 5.38 -17.77
C ALA A 192 1.55 6.36 -18.23
N VAL A 193 1.92 7.35 -19.04
CA VAL A 193 0.94 8.30 -19.63
C VAL A 193 -0.03 7.51 -20.51
N ARG A 194 0.48 6.55 -21.28
CA ARG A 194 -0.33 5.73 -22.23
C ARG A 194 -1.41 5.02 -21.41
N ALA A 195 -0.99 4.27 -20.39
CA ALA A 195 -1.89 3.49 -19.51
C ALA A 195 -2.85 4.46 -18.82
N SER A 196 -2.32 5.60 -18.37
CA SER A 196 -3.13 6.62 -17.65
C SER A 196 -4.30 7.02 -18.55
N VAL A 197 -4.04 7.13 -19.85
CA VAL A 197 -5.06 7.53 -20.86
C VAL A 197 -6.00 6.33 -21.05
N GLU A 198 -5.42 5.19 -21.45
CA GLU A 198 -6.20 3.97 -21.78
C GLU A 198 -7.16 3.67 -20.63
N PHE A 199 -6.60 3.43 -19.43
CA PHE A 199 -7.36 3.05 -18.21
C PHE A 199 -8.45 4.08 -17.96
N SER A 200 -8.11 5.36 -18.07
CA SER A 200 -9.04 6.47 -17.76
C SER A 200 -10.18 6.49 -18.79
N ASP A 201 -9.88 6.18 -20.04
CA ASP A 201 -10.94 6.05 -21.07
C ASP A 201 -11.86 4.88 -20.71
N TYR A 202 -11.31 3.69 -20.44
CA TYR A 202 -12.14 2.54 -19.97
C TYR A 202 -13.07 3.01 -18.85
N LEU A 203 -12.48 3.58 -17.79
CA LEU A 203 -13.24 4.15 -16.64
C LEU A 203 -14.31 5.08 -17.21
N ARG A 204 -13.90 6.12 -17.92
CA ARG A 204 -14.79 7.15 -18.55
C ARG A 204 -16.02 6.43 -19.13
N GLU A 205 -15.80 5.43 -19.98
CA GLU A 205 -16.85 4.58 -20.61
C GLU A 205 -17.76 4.01 -19.51
N LEU A 206 -17.24 3.12 -18.64
CA LEU A 206 -18.03 2.43 -17.58
C LEU A 206 -18.81 3.48 -16.78
N ILE A 207 -18.24 4.67 -16.55
CA ILE A 207 -18.90 5.77 -15.78
C ILE A 207 -20.24 6.14 -16.44
N ALA A 208 -20.34 6.13 -17.77
CA ALA A 208 -21.54 6.57 -18.52
C ALA A 208 -22.55 5.43 -18.59
N GLU A 209 -22.17 4.27 -19.12
CA GLU A 209 -23.04 3.07 -19.19
C GLU A 209 -23.52 2.72 -17.78
N ARG A 210 -22.97 3.38 -16.75
CA ARG A 210 -23.50 3.27 -15.36
C ARG A 210 -24.43 4.47 -15.08
N ARG A 211 -24.24 5.60 -15.76
CA ARG A 211 -25.08 6.82 -15.59
C ARG A 211 -26.46 6.56 -16.22
N LYS A 212 -26.47 6.10 -17.48
CA LYS A 212 -27.70 5.70 -18.23
C LYS A 212 -28.18 4.32 -17.77
N GLU A 213 -27.36 3.57 -17.03
CA GLU A 213 -27.68 2.18 -16.59
C GLU A 213 -27.14 1.97 -15.18
N PRO A 214 -27.71 2.64 -14.14
CA PRO A 214 -27.26 2.46 -12.75
C PRO A 214 -27.15 0.98 -12.35
N GLY A 215 -26.17 0.66 -11.49
CA GLY A 215 -25.88 -0.69 -10.95
C GLY A 215 -25.72 -0.65 -9.44
N ASP A 216 -25.17 -1.69 -8.84
CA ASP A 216 -25.01 -1.80 -7.36
C ASP A 216 -23.52 -1.77 -7.00
N ASP A 217 -22.65 -1.46 -7.98
CA ASP A 217 -21.17 -1.39 -7.86
C ASP A 217 -20.79 -0.08 -7.16
N LEU A 218 -19.48 0.20 -7.03
CA LEU A 218 -18.96 1.42 -6.37
C LEU A 218 -18.93 2.57 -7.40
N ILE A 219 -18.58 2.29 -8.65
CA ILE A 219 -18.62 3.28 -9.75
C ILE A 219 -20.01 3.94 -9.72
N SER A 220 -21.06 3.13 -9.55
CA SER A 220 -22.47 3.58 -9.46
C SER A 220 -22.73 4.30 -8.13
N GLY A 221 -22.12 3.85 -7.02
CA GLY A 221 -22.20 4.55 -5.73
C GLY A 221 -21.43 5.87 -5.76
N LEU A 222 -20.40 5.97 -6.60
CA LEU A 222 -19.60 7.21 -6.75
C LEU A 222 -20.48 8.23 -7.49
N ILE A 223 -21.09 7.81 -8.61
CA ILE A 223 -22.03 8.63 -9.42
C ILE A 223 -23.14 9.18 -8.53
N ALA A 224 -23.57 8.45 -7.49
CA ALA A 224 -24.69 8.81 -6.61
C ALA A 224 -24.23 9.68 -5.44
N ALA A 225 -23.08 9.37 -4.84
CA ALA A 225 -22.50 10.07 -3.67
C ALA A 225 -22.68 11.59 -3.81
N HIS A 226 -23.20 12.24 -2.77
CA HIS A 226 -23.33 13.71 -2.71
C HIS A 226 -23.49 14.12 -1.24
N ASP A 227 -23.31 15.40 -0.94
CA ASP A 227 -23.35 15.95 0.45
C ASP A 227 -23.38 17.47 0.38
N GLU A 228 -24.23 18.12 1.17
CA GLU A 228 -24.48 19.59 1.12
C GLU A 228 -24.64 20.04 -0.34
N GLY A 229 -25.13 19.17 -1.23
CA GLY A 229 -25.21 19.38 -2.69
C GLY A 229 -23.85 19.35 -3.37
N ASP A 230 -22.81 18.87 -2.67
CA ASP A 230 -21.44 18.63 -3.21
C ASP A 230 -21.46 17.28 -3.92
N ARG A 231 -20.65 17.12 -4.96
CA ARG A 231 -20.62 15.91 -5.82
C ARG A 231 -19.21 15.73 -6.40
N LEU A 232 -18.96 14.59 -7.04
CA LEU A 232 -17.63 14.22 -7.57
C LEU A 232 -17.62 14.52 -9.08
N THR A 233 -16.51 15.02 -9.57
CA THR A 233 -16.28 15.26 -11.02
C THR A 233 -16.02 13.91 -11.66
N GLU A 234 -16.04 13.88 -12.99
CA GLU A 234 -15.71 12.66 -13.76
C GLU A 234 -14.26 12.27 -13.43
N GLN A 235 -13.36 13.25 -13.46
CA GLN A 235 -11.91 13.02 -13.20
C GLN A 235 -11.73 12.51 -11.75
N GLU A 236 -12.48 13.06 -10.80
CA GLU A 236 -12.38 12.64 -9.38
C GLU A 236 -12.76 11.16 -9.28
N MET A 237 -13.73 10.71 -10.09
CA MET A 237 -14.19 9.30 -10.05
C MET A 237 -13.17 8.38 -10.70
N ILE A 238 -12.65 8.76 -11.87
CA ILE A 238 -11.63 7.97 -12.62
C ILE A 238 -10.41 7.83 -11.69
N SER A 239 -9.99 8.95 -11.10
CA SER A 239 -8.81 9.02 -10.22
C SER A 239 -9.05 8.11 -9.02
N THR A 240 -10.23 8.17 -8.42
CA THR A 240 -10.58 7.37 -7.22
C THR A 240 -10.47 5.88 -7.58
N CYS A 241 -11.02 5.47 -8.72
CA CYS A 241 -11.04 4.06 -9.19
C CYS A 241 -9.63 3.58 -9.47
N VAL A 242 -8.81 4.39 -10.12
CA VAL A 242 -7.42 3.98 -10.42
C VAL A 242 -6.67 3.87 -9.09
N LEU A 243 -6.93 4.80 -8.15
CA LEU A 243 -6.24 4.83 -6.83
C LEU A 243 -6.61 3.53 -6.09
N LEU A 244 -7.89 3.19 -6.03
CA LEU A 244 -8.33 2.00 -5.29
C LEU A 244 -7.61 0.76 -5.86
N LEU A 245 -7.49 0.63 -7.18
CA LEU A 245 -6.78 -0.55 -7.74
C LEU A 245 -5.29 -0.46 -7.37
N ASN A 246 -4.64 0.67 -7.66
CA ASN A 246 -3.18 0.80 -7.46
C ASN A 246 -2.83 0.65 -5.98
N ALA A 247 -3.59 1.28 -5.09
CA ALA A 247 -3.32 1.25 -3.63
C ALA A 247 -3.59 -0.14 -3.06
N GLY A 248 -4.64 -0.82 -3.53
CA GLY A 248 -5.10 -2.09 -2.97
C GLY A 248 -4.44 -3.31 -3.59
N HIS A 249 -3.49 -3.15 -4.52
CA HIS A 249 -2.91 -4.32 -5.23
C HIS A 249 -1.57 -4.71 -4.62
N GLU A 250 -0.49 -4.01 -4.96
CA GLU A 250 0.89 -4.49 -4.70
C GLU A 250 1.10 -4.61 -3.19
N ALA A 251 0.56 -3.69 -2.38
CA ALA A 251 0.73 -3.70 -0.91
C ALA A 251 0.18 -5.03 -0.40
N THR A 252 -1.04 -5.37 -0.80
CA THR A 252 -1.73 -6.59 -0.31
C THR A 252 -0.94 -7.82 -0.77
N VAL A 253 -0.47 -7.80 -2.00
CA VAL A 253 0.28 -8.94 -2.57
C VAL A 253 1.56 -9.16 -1.76
N ASN A 254 2.32 -8.09 -1.52
CA ASN A 254 3.63 -8.21 -0.85
C ASN A 254 3.45 -8.54 0.64
N ALA A 255 2.35 -8.13 1.28
CA ALA A 255 2.06 -8.49 2.69
C ALA A 255 1.84 -10.01 2.80
N THR A 256 1.14 -10.60 1.85
CA THR A 256 0.83 -12.05 1.89
C THR A 256 2.15 -12.80 1.68
N VAL A 257 2.98 -12.43 0.70
CA VAL A 257 4.23 -13.18 0.38
C VAL A 257 5.26 -12.93 1.50
N ASN A 258 5.43 -11.66 1.91
CA ASN A 258 6.32 -11.30 3.04
C ASN A 258 5.90 -12.14 4.27
N GLY A 259 4.61 -12.15 4.61
CA GLY A 259 4.12 -12.96 5.74
C GLY A 259 4.56 -14.42 5.64
N TRP A 260 4.25 -15.10 4.54
CA TRP A 260 4.57 -16.56 4.36
C TRP A 260 6.08 -16.82 4.40
N TYR A 261 6.90 -15.94 3.82
CA TYR A 261 8.37 -16.09 3.96
C TYR A 261 8.80 -16.01 5.43
N ALA A 262 8.33 -14.99 6.16
CA ALA A 262 8.57 -14.91 7.62
C ALA A 262 8.09 -16.18 8.34
N LEU A 263 6.92 -16.69 7.97
CA LEU A 263 6.36 -17.89 8.64
C LEU A 263 7.29 -19.09 8.37
N PHE A 264 7.71 -19.26 7.13
CA PHE A 264 8.65 -20.36 6.76
C PHE A 264 9.97 -20.20 7.52
N ARG A 265 10.42 -18.99 7.79
CA ARG A 265 11.72 -18.78 8.47
C ARG A 265 11.55 -18.85 9.99
N ASN A 266 10.32 -18.98 10.48
CA ASN A 266 10.00 -19.06 11.92
C ASN A 266 9.07 -20.24 12.18
N PRO A 267 9.58 -21.49 12.07
CA PRO A 267 8.74 -22.68 12.11
C PRO A 267 7.98 -22.82 13.43
N ASP A 268 8.55 -22.37 14.55
CA ASP A 268 7.83 -22.33 15.85
C ASP A 268 6.53 -21.53 15.72
N GLN A 269 6.56 -20.40 14.99
CA GLN A 269 5.38 -19.49 14.85
C GLN A 269 4.41 -20.11 13.85
N LEU A 270 4.91 -20.67 12.73
CA LEU A 270 4.03 -21.35 11.75
C LEU A 270 3.27 -22.49 12.44
N ALA A 271 3.97 -23.32 13.23
CA ALA A 271 3.34 -24.47 13.92
C ALA A 271 2.31 -23.92 14.92
N ALA A 272 2.58 -22.82 15.62
CA ALA A 272 1.58 -22.25 16.56
C ALA A 272 0.31 -21.87 15.80
N LEU A 273 0.47 -21.31 14.61
CA LEU A 273 -0.63 -20.77 13.80
C LEU A 273 -1.48 -21.95 13.33
N ARG A 274 -0.80 -22.95 12.76
CA ARG A 274 -1.43 -24.18 12.25
C ARG A 274 -2.21 -24.88 13.36
N ALA A 275 -1.74 -24.79 14.61
CA ALA A 275 -2.36 -25.46 15.79
C ALA A 275 -3.55 -24.66 16.34
N ASP A 276 -3.64 -23.35 16.05
CA ASP A 276 -4.75 -22.50 16.54
C ASP A 276 -5.07 -21.42 15.50
N HIS A 277 -6.02 -21.72 14.62
CA HIS A 277 -6.47 -20.83 13.53
C HIS A 277 -7.11 -19.54 14.08
N SER A 278 -7.43 -19.47 15.36
CA SER A 278 -7.98 -18.25 16.00
C SER A 278 -6.86 -17.17 16.10
N LEU A 279 -5.61 -17.51 15.83
CA LEU A 279 -4.49 -16.53 15.84
C LEU A 279 -4.45 -15.69 14.55
N VAL A 280 -5.14 -16.13 13.50
CA VAL A 280 -5.05 -15.52 12.13
C VAL A 280 -5.12 -14.00 12.23
N PRO A 281 -6.14 -13.36 12.86
CA PRO A 281 -6.21 -11.89 12.87
C PRO A 281 -4.95 -11.27 13.53
N ALA A 282 -4.53 -11.80 14.67
CA ALA A 282 -3.34 -11.27 15.39
C ALA A 282 -2.09 -11.54 14.54
N ALA A 283 -2.07 -12.65 13.80
CA ALA A 283 -0.92 -13.07 12.95
C ALA A 283 -0.75 -12.13 11.76
N VAL A 284 -1.85 -11.78 11.12
CA VAL A 284 -1.85 -10.82 9.98
C VAL A 284 -1.14 -9.54 10.45
N GLU A 285 -1.45 -9.08 11.67
CA GLU A 285 -0.98 -7.78 12.17
C GLU A 285 0.51 -7.91 12.51
N GLU A 286 0.91 -9.03 13.12
CA GLU A 286 2.32 -9.18 13.58
C GLU A 286 3.24 -9.35 12.37
N LEU A 287 2.81 -10.10 11.34
CA LEU A 287 3.62 -10.31 10.10
C LEU A 287 3.78 -8.97 9.35
N MET A 288 2.76 -8.12 9.37
CA MET A 288 2.89 -6.76 8.80
C MET A 288 3.92 -5.93 9.61
N ARG A 289 3.78 -5.83 10.93
CA ARG A 289 4.83 -5.14 11.74
C ARG A 289 6.22 -5.74 11.43
N TYR A 290 6.36 -7.05 11.41
CA TYR A 290 7.68 -7.71 11.30
C TYR A 290 8.34 -7.28 9.99
N ASP A 291 7.59 -7.26 8.89
CA ASP A 291 8.17 -7.03 7.55
C ASP A 291 7.15 -6.36 6.60
N THR A 292 6.86 -5.08 6.83
CA THR A 292 5.82 -4.40 6.04
C THR A 292 6.31 -4.28 4.60
N PRO A 293 5.43 -4.46 3.61
CA PRO A 293 5.82 -4.17 2.21
C PRO A 293 6.03 -2.67 1.94
N LEU A 294 5.45 -1.79 2.74
CA LEU A 294 5.59 -0.32 2.51
C LEU A 294 6.53 0.28 3.56
N GLN A 295 7.80 0.41 3.19
CA GLN A 295 8.88 0.74 4.15
C GLN A 295 9.00 2.27 4.32
N LEU A 296 8.49 3.08 3.38
CA LEU A 296 8.89 4.50 3.29
C LEU A 296 7.79 5.36 2.68
N PHE A 297 7.55 6.48 3.35
CA PHE A 297 6.56 7.49 2.89
C PHE A 297 7.18 8.85 3.12
N GLU A 298 6.81 9.79 2.26
CA GLU A 298 7.43 11.14 2.19
C GLU A 298 6.37 12.20 2.50
N ARG A 299 6.83 13.30 3.06
CA ARG A 299 6.00 14.51 3.27
C ARG A 299 6.86 15.72 2.90
N TRP A 300 6.23 16.69 2.26
CA TRP A 300 6.74 18.07 2.10
C TRP A 300 6.57 18.84 3.41
N VAL A 301 7.53 19.67 3.78
CA VAL A 301 7.41 20.62 4.91
C VAL A 301 6.82 21.95 4.41
N LEU A 302 5.55 22.17 4.74
CA LEU A 302 4.75 23.35 4.29
C LEU A 302 4.99 24.55 5.24
N ASP A 303 5.44 24.28 6.46
CA ASP A 303 5.85 25.30 7.46
C ASP A 303 7.03 24.74 8.27
N GLU A 304 8.01 25.57 8.59
CA GLU A 304 9.24 25.13 9.32
C GLU A 304 8.82 24.38 10.59
N ILE A 305 9.44 23.24 10.85
CA ILE A 305 9.18 22.42 12.06
C ILE A 305 10.50 22.26 12.81
N GLU A 306 10.41 21.70 14.00
CA GLU A 306 11.58 21.31 14.80
C GLU A 306 11.35 19.87 15.27
N ILE A 307 12.33 19.04 15.06
CA ILE A 307 12.34 17.62 15.50
C ILE A 307 13.53 17.51 16.45
N ASP A 308 13.29 17.40 17.75
CA ASP A 308 14.36 17.12 18.74
C ASP A 308 15.28 18.35 18.77
N GLY A 309 14.71 19.55 18.67
CA GLY A 309 15.47 20.81 18.61
C GLY A 309 16.17 21.03 17.26
N THR A 310 16.06 20.12 16.30
CA THR A 310 16.62 20.32 14.94
C THR A 310 15.55 21.00 14.07
N THR A 311 15.87 22.16 13.51
CA THR A 311 14.97 22.90 12.58
C THR A 311 14.99 22.24 11.21
N VAL A 312 13.81 21.88 10.70
CA VAL A 312 13.62 21.38 9.30
C VAL A 312 12.82 22.45 8.55
N PRO A 313 13.43 23.05 7.50
CA PRO A 313 12.87 24.23 6.85
C PRO A 313 11.73 23.96 5.87
N ARG A 314 10.87 24.97 5.68
CA ARG A 314 9.82 24.93 4.64
C ARG A 314 10.51 24.62 3.32
N GLY A 315 9.94 23.73 2.51
CA GLY A 315 10.53 23.33 1.23
C GLY A 315 11.29 22.01 1.33
N ALA A 316 11.71 21.60 2.53
CA ALA A 316 12.38 20.29 2.73
C ALA A 316 11.39 19.13 2.51
N GLU A 317 11.92 17.95 2.27
CA GLU A 317 11.12 16.70 2.17
C GLU A 317 11.61 15.78 3.30
N ILE A 318 10.66 15.18 4.01
CA ILE A 318 10.93 14.20 5.10
C ILE A 318 10.65 12.79 4.61
N ALA A 319 11.55 11.85 4.90
CA ALA A 319 11.34 10.40 4.64
C ALA A 319 11.04 9.71 5.97
N MET A 320 9.83 9.17 6.10
CA MET A 320 9.36 8.46 7.31
C MET A 320 9.67 6.98 7.10
N LEU A 321 10.52 6.39 7.93
CA LEU A 321 10.91 4.95 7.80
C LEU A 321 9.92 4.06 8.58
N PHE A 322 8.85 3.61 7.94
CA PHE A 322 7.79 2.79 8.58
C PHE A 322 8.41 1.49 9.11
N GLY A 323 9.33 0.89 8.34
CA GLY A 323 10.05 -0.34 8.73
C GLY A 323 10.78 -0.16 10.05
N SER A 324 11.51 0.95 10.18
CA SER A 324 12.23 1.30 11.43
C SER A 324 11.21 1.46 12.55
N ALA A 325 10.15 2.23 12.31
CA ALA A 325 9.10 2.51 13.30
C ALA A 325 8.48 1.20 13.79
N ASN A 326 8.24 0.25 12.89
CA ASN A 326 7.64 -1.05 13.26
C ASN A 326 8.62 -1.91 14.08
N HIS A 327 9.92 -1.58 14.12
CA HIS A 327 10.91 -2.34 14.94
C HIS A 327 11.47 -1.44 16.07
N ASP A 328 10.75 -0.39 16.47
CA ASP A 328 11.19 0.55 17.54
C ASP A 328 11.04 -0.15 18.88
N PRO A 329 12.16 -0.42 19.60
CA PRO A 329 12.07 -1.14 20.87
C PRO A 329 11.45 -0.31 22.02
N GLU A 330 11.29 1.00 21.85
CA GLU A 330 10.60 1.84 22.85
C GLU A 330 9.10 1.55 22.76
N VAL A 331 8.65 0.87 21.70
CA VAL A 331 7.20 0.59 21.51
C VAL A 331 6.94 -0.92 21.59
N PHE A 332 7.80 -1.74 21.03
CA PHE A 332 7.59 -3.19 20.93
C PHE A 332 8.73 -3.88 21.70
N ARG A 333 8.40 -4.86 22.51
CA ARG A 333 9.41 -5.65 23.25
C ARG A 333 10.03 -6.65 22.28
N ASN A 334 11.34 -6.67 22.09
CA ASN A 334 12.02 -7.69 21.25
C ASN A 334 11.45 -7.61 19.83
N PRO A 335 11.58 -6.42 19.21
CA PRO A 335 10.96 -6.12 17.91
C PRO A 335 11.51 -6.98 16.77
N GLU A 336 12.74 -7.48 16.93
CA GLU A 336 13.42 -8.33 15.92
C GLU A 336 12.84 -9.75 15.96
N LYS A 337 12.06 -10.10 16.98
CA LYS A 337 11.48 -11.46 17.11
C LYS A 337 10.06 -11.44 16.55
N LEU A 338 9.74 -12.45 15.75
CA LEU A 338 8.37 -12.66 15.26
C LEU A 338 7.60 -13.39 16.35
N ASP A 339 6.53 -12.77 16.86
CA ASP A 339 5.68 -13.38 17.92
C ASP A 339 4.21 -13.16 17.56
N LEU A 340 3.57 -14.13 16.92
CA LEU A 340 2.15 -14.03 16.47
C LEU A 340 1.20 -13.72 17.63
N THR A 341 1.57 -14.02 18.87
CA THR A 341 0.74 -13.76 20.07
C THR A 341 1.15 -12.42 20.70
N ARG A 342 1.98 -11.63 20.04
CA ARG A 342 2.34 -10.28 20.53
C ARG A 342 1.07 -9.56 20.96
N GLU A 343 0.99 -9.19 22.23
CA GLU A 343 -0.16 -8.45 22.83
C GLU A 343 -0.14 -6.99 22.35
N ASP A 344 1.03 -6.36 22.46
CA ASP A 344 1.23 -4.90 22.28
C ASP A 344 1.84 -4.65 20.89
N ASN A 345 0.97 -4.45 19.90
CA ASN A 345 1.38 -4.31 18.47
C ASN A 345 0.69 -3.10 17.84
N PRO A 346 0.95 -1.86 18.31
CA PRO A 346 0.49 -0.66 17.61
C PRO A 346 1.37 -0.29 16.40
N HIS A 347 1.46 -1.18 15.42
CA HIS A 347 2.30 -0.97 14.22
C HIS A 347 1.66 0.15 13.39
N ILE A 348 2.46 0.89 12.64
CA ILE A 348 2.00 2.10 11.89
C ILE A 348 1.84 1.74 10.41
N SER A 349 1.67 0.46 10.06
CA SER A 349 1.85 -0.01 8.66
C SER A 349 0.76 0.64 7.78
N PHE A 350 -0.39 1.03 8.35
CA PHE A 350 -1.50 1.65 7.60
C PHE A 350 -1.45 3.17 7.77
N SER A 351 -0.33 3.69 8.31
CA SER A 351 -0.04 5.13 8.43
C SER A 351 -0.94 5.75 9.51
N ALA A 352 -1.10 7.08 9.49
CA ALA A 352 -1.84 7.87 10.51
C ALA A 352 -2.18 9.24 9.91
N GLY A 353 -2.90 10.06 10.66
CA GLY A 353 -3.38 11.36 10.20
C GLY A 353 -4.33 11.21 9.02
N ILE A 354 -4.45 12.22 8.16
CA ILE A 354 -5.56 12.28 7.16
C ILE A 354 -5.38 11.21 6.07
N HIS A 355 -4.15 10.74 5.81
CA HIS A 355 -3.89 9.76 4.73
C HIS A 355 -4.01 8.31 5.22
N TYR A 356 -4.36 8.11 6.50
CA TYR A 356 -4.59 6.76 7.09
C TYR A 356 -5.41 5.94 6.09
N CYS A 357 -4.91 4.74 5.79
CA CYS A 357 -5.40 3.88 4.70
C CYS A 357 -6.91 3.66 4.85
N ILE A 358 -7.69 4.17 3.90
CA ILE A 358 -9.16 3.93 3.86
C ILE A 358 -9.43 2.45 3.52
N GLY A 359 -8.46 1.76 2.92
CA GLY A 359 -8.60 0.33 2.59
C GLY A 359 -8.30 -0.65 3.72
N ALA A 360 -7.92 -0.22 4.94
CA ALA A 360 -7.30 -1.10 5.96
C ALA A 360 -8.26 -2.23 6.38
N PRO A 361 -9.58 -1.97 6.63
CA PRO A 361 -10.52 -3.04 6.95
C PRO A 361 -10.57 -4.09 5.83
N LEU A 362 -10.61 -3.67 4.55
CA LEU A 362 -10.72 -4.62 3.41
C LEU A 362 -9.40 -5.38 3.26
N ALA A 363 -8.26 -4.69 3.38
CA ALA A 363 -6.92 -5.30 3.33
C ALA A 363 -6.86 -6.43 4.37
N ARG A 364 -7.29 -6.17 5.60
CA ARG A 364 -7.23 -7.16 6.71
C ARG A 364 -8.13 -8.37 6.40
N ILE A 365 -9.30 -8.15 5.78
CA ILE A 365 -10.20 -9.25 5.36
C ILE A 365 -9.56 -10.06 4.25
N GLU A 366 -8.87 -9.44 3.30
CA GLU A 366 -8.23 -10.24 2.23
C GLU A 366 -7.04 -11.05 2.79
N LEU A 367 -6.26 -10.45 3.69
CA LEU A 367 -5.04 -11.14 4.23
C LEU A 367 -5.48 -12.32 5.11
N ALA A 368 -6.55 -12.16 5.90
CA ALA A 368 -7.11 -13.22 6.77
C ALA A 368 -7.69 -14.36 5.92
N ALA A 369 -8.40 -14.04 4.83
CA ALA A 369 -9.08 -15.03 3.97
C ALA A 369 -8.02 -15.86 3.28
N SER A 370 -6.99 -15.21 2.75
CA SER A 370 -5.87 -15.91 2.08
C SER A 370 -5.19 -16.87 3.08
N MET A 371 -4.94 -16.40 4.30
CA MET A 371 -4.14 -17.13 5.32
C MET A 371 -4.97 -18.36 5.76
N THR A 372 -6.26 -18.14 6.09
CA THR A 372 -7.17 -19.19 6.57
C THR A 372 -7.27 -20.30 5.51
N ALA A 373 -7.44 -19.95 4.24
CA ALA A 373 -7.50 -20.92 3.14
C ALA A 373 -6.22 -21.77 3.15
N LEU A 374 -5.06 -21.12 3.20
CA LEU A 374 -3.72 -21.77 3.15
C LEU A 374 -3.57 -22.77 4.31
N LEU A 375 -4.02 -22.38 5.51
CA LEU A 375 -3.92 -23.18 6.77
C LEU A 375 -4.87 -24.38 6.73
N GLU A 376 -6.09 -24.16 6.22
CA GLU A 376 -7.13 -25.20 6.19
C GLU A 376 -6.79 -26.20 5.08
N LYS A 377 -6.37 -25.73 3.91
CA LYS A 377 -6.35 -26.55 2.67
C LYS A 377 -4.93 -27.02 2.39
N ALA A 378 -3.91 -26.30 2.83
CA ALA A 378 -2.50 -26.66 2.54
C ALA A 378 -1.72 -26.70 3.84
N PRO A 379 -2.15 -27.53 4.81
CA PRO A 379 -1.52 -27.54 6.14
C PRO A 379 -0.10 -28.09 6.13
N THR A 380 0.36 -28.71 5.03
CA THR A 380 1.74 -29.30 4.90
C THR A 380 2.61 -28.38 4.04
N LEU A 381 2.13 -27.20 3.68
CA LEU A 381 2.89 -26.31 2.77
C LEU A 381 4.31 -26.07 3.31
N GLY A 382 5.30 -26.15 2.43
CA GLY A 382 6.72 -25.93 2.75
C GLY A 382 7.41 -25.08 1.70
N LEU A 383 8.50 -24.42 2.08
CA LEU A 383 9.35 -23.58 1.20
C LEU A 383 10.29 -24.51 0.43
N VAL A 384 10.29 -24.41 -0.90
CA VAL A 384 11.15 -25.28 -1.75
C VAL A 384 12.53 -24.63 -1.93
N ALA A 385 12.60 -23.36 -2.33
CA ALA A 385 13.87 -22.63 -2.61
C ALA A 385 13.92 -21.29 -1.86
N GLU A 386 15.10 -20.86 -1.42
CA GLU A 386 15.36 -19.48 -0.93
C GLU A 386 14.92 -18.54 -2.04
N PRO A 387 14.04 -17.55 -1.74
CA PRO A 387 13.48 -16.69 -2.77
C PRO A 387 14.46 -15.59 -3.17
N LYS A 388 14.25 -15.00 -4.34
CA LYS A 388 15.01 -13.83 -4.86
C LYS A 388 14.31 -12.55 -4.37
N ARG A 389 15.07 -11.66 -3.71
CA ARG A 389 14.61 -10.35 -3.19
C ARG A 389 14.62 -9.33 -4.32
N LYS A 390 13.53 -8.59 -4.53
CA LYS A 390 13.50 -7.50 -5.54
C LYS A 390 14.41 -6.37 -5.05
N PRO A 391 15.24 -5.76 -5.94
CA PRO A 391 16.13 -4.68 -5.52
C PRO A 391 15.42 -3.33 -5.36
N ASN A 392 14.78 -3.12 -4.20
CA ASN A 392 13.87 -1.98 -3.91
C ASN A 392 13.80 -1.77 -2.40
N PHE A 393 14.06 -0.56 -1.91
CA PHE A 393 14.09 -0.28 -0.46
C PHE A 393 12.85 0.50 -0.05
N VAL A 394 11.97 0.95 -0.96
CA VAL A 394 10.71 1.64 -0.57
C VAL A 394 9.53 0.65 -0.60
N ILE A 395 9.48 -0.26 -1.57
CA ILE A 395 8.44 -1.34 -1.60
C ILE A 395 9.18 -2.67 -1.47
N ARG A 396 9.08 -3.32 -0.32
CA ARG A 396 9.91 -4.49 0.05
C ARG A 396 9.16 -5.75 -0.35
N GLY A 397 9.75 -6.56 -1.23
CA GLY A 397 9.05 -7.69 -1.85
C GLY A 397 10.01 -8.74 -2.38
N LEU A 398 9.48 -9.92 -2.67
CA LEU A 398 10.26 -11.02 -3.31
C LEU A 398 9.80 -11.19 -4.76
N GLU A 399 10.68 -11.66 -5.63
CA GLU A 399 10.36 -12.00 -7.06
C GLU A 399 9.32 -13.12 -7.10
N GLY A 400 9.31 -14.01 -6.12
CA GLY A 400 8.36 -15.14 -6.04
C GLY A 400 8.65 -16.02 -4.84
N LEU A 401 7.77 -16.98 -4.57
CA LEU A 401 7.90 -17.87 -3.39
C LEU A 401 7.58 -19.32 -3.80
N SER A 402 8.61 -20.14 -3.94
CA SER A 402 8.48 -21.54 -4.42
C SER A 402 7.99 -22.44 -3.28
N VAL A 403 6.78 -22.98 -3.39
CA VAL A 403 6.18 -23.81 -2.31
C VAL A 403 5.74 -25.18 -2.85
N ALA A 404 5.52 -26.12 -1.93
CA ALA A 404 5.10 -27.51 -2.22
C ALA A 404 4.30 -28.05 -1.03
N VAL A 405 3.28 -28.84 -1.31
CA VAL A 405 2.49 -29.57 -0.28
C VAL A 405 3.21 -30.90 -0.04
#